data_8FI0
#
_entry.id   8FI0
#
_cell.length_a   24.876
_cell.length_b   43.022
_cell.length_c   119.622
_cell.angle_alpha   90.000
_cell.angle_beta   90.000
_cell.angle_gamma   90.000
#
_symmetry.space_group_name_H-M   'P 21 21 21'
#
loop_
_entity.id
_entity.type
_entity.pdbx_description
1 polymer 'Lettuce DNA aptamer'
2 non-polymer 'POTASSIUM ION'
3 non-polymer 'MAGNESIUM ION'
4 non-polymer 'methyl (2E)-3-{(4Z)-4-[(3,5-difluoro-4-hydroxyphenyl)methylidene]-1-methyl-5-oxo-4,5-dihydro-1H-imidazol-2-yl}prop-2-enoate'
5 water water
#
_entity_poly.entity_id   1
_entity_poly.type   'polydeoxyribonucleotide'
_entity_poly.pdbx_seq_one_letter_code
;(DC)(DT)(DT)(DA)(DG)(DT)(DA)(DG)(DG)(DG)(DA)(DT)(DG)(DA)(DT)(DG)(DC)(DG)(DG)(DC)
(DA)(DG)(DT)(DG)(DG)(DG)(DC)(DT)(DT)(DC)(DG)(DC)(DA)(DG)(DT)(DT)(DC)(DC)(DT)(DG)
(DC)(DG)(DA)(DG)(DG)(DG)(DG)(DA)(DC)(DT)(DA)(DA)(DG)
;
_entity_poly.pdbx_strand_id   A
#
loop_
_chem_comp.id
_chem_comp.type
_chem_comp.name
_chem_comp.formula
DA DNA linking 2'-DEOXYADENOSINE-5'-MONOPHOSPHATE 'C10 H14 N5 O6 P'
DC DNA linking 2'-DEOXYCYTIDINE-5'-MONOPHOSPHATE 'C9 H14 N3 O7 P'
DG DNA linking 2'-DEOXYGUANOSINE-5'-MONOPHOSPHATE 'C10 H14 N5 O7 P'
DT DNA linking THYMIDINE-5'-MONOPHOSPHATE 'C10 H15 N2 O8 P'
K non-polymer 'POTASSIUM ION' 'K 1'
MG non-polymer 'MAGNESIUM ION' 'Mg 2'
X5R non-polymer 'methyl (2E)-3-{(4Z)-4-[(3,5-difluoro-4-hydroxyphenyl)methylidene]-1-methyl-5-oxo-4,5-dihydro-1H-imidazol-2-yl}prop-2-enoate' 'C15 H12 F2 N2 O4'
#
# COMPACT_ATOMS: atom_id res chain seq x y z
K K B . -3.92 -4.76 -1.60
K K C . -2.69 -5.41 1.63
MG MG D . -4.43 4.72 -9.46
MG MG E . -3.74 -10.94 13.05
MG MG F . -13.86 -2.52 -28.19
MG MG G . 6.22 3.44 -4.97
C10 X5R H . -0.57 1.72 2.58
C15 X5R H . -1.98 -2.29 3.38
C13 X5R H . -0.70 -2.10 2.88
C12 X5R H . -0.22 -0.83 2.61
C11 X5R H . -1.04 0.28 2.84
C01 X5R H . 7.24 0.05 -1.90
C03 X5R H . 5.13 1.05 -1.62
C05 X5R H . 3.74 1.19 -0.99
C06 X5R H . 3.54 2.14 -0.10
C07 X5R H . 2.18 2.35 0.58
C09 X5R H . 0.39 2.14 1.76
C17 X5R H . -2.79 -1.19 3.61
C19 X5R H . -2.31 0.09 3.35
C20 X5R H . 0.37 3.36 1.15
C23 X5R H . 1.86 4.60 -0.39
F14 X5R H . 0.09 -3.19 2.65
F18 X5R H . -4.06 -1.37 4.10
N08 X5R H . 1.52 1.54 1.41
N22 X5R H . 1.47 3.46 0.43
O02 X5R H . 6.03 0.07 -1.19
O04 X5R H . 5.45 1.80 -2.49
O16 X5R H . -2.46 -3.57 3.65
O21 X5R H . -0.48 4.17 1.23
#